data_6PX0
#
_entry.id   6PX0
#
_cell.length_a   37.750
_cell.length_b   44.170
_cell.length_c   52.530
_cell.angle_alpha   90.000
_cell.angle_beta   100.956
_cell.angle_gamma   90.000
#
_symmetry.space_group_name_H-M   'P 1 21 1'
#
loop_
_entity.id
_entity.type
_entity.pdbx_description
1 polymer 'Aryl-hydrocarbon-interacting protein-like 1'
2 non-polymer DI(HYDROXYETHYL)ETHER
3 non-polymer 'TETRAETHYLENE GLYCOL'
4 non-polymer BETA-MERCAPTOETHANOL
5 non-polymer 1,2-ETHANEDIOL
6 water water
#
_entity_poly.entity_id   1
_entity_poly.type   'polypeptide(L)'
_entity_poly.pdbx_seq_one_letter_code
;MGHHHHHHGNHEKMKAVPVLHGEGNRLFKLGRYEEASSKYQEAIICLRNLQTKEKPWEVQWLKLEKMINTLILNYCQCLL
KKEEYYEVLEHTSDILRHHPGIVKAYYVRARAHAEVWNEAEAKADLQKVLELEPSMQKAVRRELRLLENRMAEKQ
;
_entity_poly.pdbx_strand_id   A
#
# COMPACT_ATOMS: atom_id res chain seq x y z
N VAL A 19 -8.36 6.97 16.77
CA VAL A 19 -9.73 7.11 16.27
C VAL A 19 -9.69 7.33 14.76
N LEU A 20 -8.59 7.92 14.28
CA LEU A 20 -8.53 8.31 12.88
C LEU A 20 -8.46 7.10 11.97
N HIS A 21 -7.75 6.05 12.38
CA HIS A 21 -7.60 4.86 11.55
C HIS A 21 -8.98 4.24 11.27
N GLY A 22 -9.74 3.99 12.34
CA GLY A 22 -11.06 3.42 12.15
C GLY A 22 -11.99 4.34 11.40
N GLU A 23 -11.87 5.64 11.61
CA GLU A 23 -12.79 6.54 10.91
C GLU A 23 -12.45 6.61 9.43
N GLY A 24 -11.15 6.66 9.09
CA GLY A 24 -10.77 6.51 7.70
C GLY A 24 -11.33 5.25 7.10
N ASN A 25 -11.22 4.13 7.82
CA ASN A 25 -11.73 2.87 7.28
C ASN A 25 -13.24 2.93 7.06
N ARG A 26 -13.97 3.51 8.01
CA ARG A 26 -15.41 3.65 7.89
C ARG A 26 -15.77 4.51 6.68
N LEU A 27 -15.05 5.61 6.48
CA LEU A 27 -15.29 6.46 5.31
C LEU A 27 -14.98 5.73 4.02
N PHE A 28 -13.88 4.99 4.00
CA PHE A 28 -13.53 4.26 2.78
C PHE A 28 -14.66 3.30 2.37
N LYS A 29 -15.26 2.62 3.35
CA LYS A 29 -16.32 1.66 3.05
C LYS A 29 -17.54 2.34 2.47
N LEU A 30 -17.73 3.61 2.78
CA LEU A 30 -18.82 4.39 2.20
C LEU A 30 -18.44 5.04 0.88
N GLY A 31 -17.28 4.67 0.32
CA GLY A 31 -16.82 5.25 -0.92
C GLY A 31 -16.34 6.67 -0.82
N ARG A 32 -15.99 7.12 0.38
CA ARG A 32 -15.63 8.52 0.61
C ARG A 32 -14.10 8.64 0.62
N TYR A 33 -13.52 8.56 -0.58
CA TYR A 33 -12.08 8.30 -0.65
C TYR A 33 -11.25 9.53 -0.30
N GLU A 34 -11.72 10.73 -0.66
CA GLU A 34 -11.07 11.97 -0.24
C GLU A 34 -11.14 12.13 1.27
N GLU A 35 -12.34 11.94 1.83
CA GLU A 35 -12.52 12.06 3.27
C GLU A 35 -11.68 11.03 4.01
N ALA A 36 -11.67 9.79 3.53
CA ALA A 36 -10.83 8.77 4.15
C ALA A 36 -9.35 9.14 4.03
N SER A 37 -8.93 9.62 2.85
CA SER A 37 -7.52 9.98 2.67
C SER A 37 -7.08 11.02 3.68
N SER A 38 -7.94 12.00 3.96
CA SER A 38 -7.59 13.05 4.91
C SER A 38 -7.39 12.47 6.30
N LYS A 39 -8.26 11.56 6.72
CA LYS A 39 -8.11 10.93 8.03
C LYS A 39 -6.81 10.16 8.10
N TYR A 40 -6.51 9.38 7.07
CA TYR A 40 -5.29 8.58 7.10
C TYR A 40 -4.06 9.48 7.14
N GLN A 41 -4.04 10.53 6.31
CA GLN A 41 -2.89 11.42 6.29
C GLN A 41 -2.71 12.11 7.63
N GLU A 42 -3.82 12.55 8.26
CA GLU A 42 -3.72 13.15 9.58
C GLU A 42 -3.12 12.15 10.57
N ALA A 43 -3.56 10.90 10.50
CA ALA A 43 -3.02 9.88 11.38
C ALA A 43 -1.55 9.63 11.15
N ILE A 44 -1.14 9.55 9.88
CA ILE A 44 0.26 9.29 9.56
C ILE A 44 1.15 10.38 10.09
N ILE A 45 0.77 11.64 9.86
CA ILE A 45 1.58 12.77 10.32
C ILE A 45 1.71 12.73 11.84
N CYS A 46 0.62 12.41 12.53
CA CYS A 46 0.64 12.35 13.98
C CYS A 46 1.59 11.26 14.47
N LEU A 47 1.52 10.08 13.85
CA LEU A 47 2.40 9.00 14.29
C LEU A 47 3.85 9.26 13.89
N ARG A 48 4.07 9.90 12.73
CA ARG A 48 5.43 10.32 12.39
C ARG A 48 5.96 11.29 13.41
N ASN A 49 5.11 12.18 13.94
CA ASN A 49 5.59 13.12 14.93
C ASN A 49 5.97 12.41 16.21
N LEU A 50 5.17 11.41 16.61
CA LEU A 50 5.54 10.59 17.76
C LEU A 50 6.85 9.84 17.52
N GLN A 51 7.07 9.37 16.29
CA GLN A 51 8.33 8.69 15.96
C GLN A 51 9.53 9.58 16.17
N THR A 52 9.41 10.90 15.91
CA THR A 52 10.55 11.78 16.09
C THR A 52 11.00 11.86 17.54
N LYS A 53 10.19 11.39 18.48
CA LYS A 53 10.60 11.35 19.88
C LYS A 53 11.22 10.02 20.26
N GLU A 54 11.34 9.09 19.32
CA GLU A 54 11.91 7.78 19.58
C GLU A 54 13.17 7.59 18.74
N LYS A 55 14.03 6.71 19.23
CA LYS A 55 15.24 6.37 18.49
C LYS A 55 14.89 5.54 17.28
N PRO A 56 15.30 5.94 16.07
CA PRO A 56 14.88 5.20 14.88
C PRO A 56 15.37 3.76 14.92
N TRP A 57 14.49 2.85 14.50
CA TRP A 57 14.73 1.42 14.33
C TRP A 57 14.92 0.69 15.64
N GLU A 58 14.70 1.35 16.77
CA GLU A 58 14.51 0.67 18.04
C GLU A 58 13.04 0.35 18.21
N VAL A 59 12.68 -0.32 19.32
CA VAL A 59 11.41 -1.06 19.36
C VAL A 59 10.21 -0.11 19.38
N GLN A 60 10.31 1.01 20.10
CA GLN A 60 9.18 1.92 20.15
C GLN A 60 8.92 2.52 18.78
N TRP A 61 9.98 2.98 18.12
CA TRP A 61 9.90 3.46 16.76
C TRP A 61 9.30 2.42 15.82
N LEU A 62 9.69 1.15 15.97
CA LEU A 62 9.20 0.11 15.06
C LEU A 62 7.74 -0.22 15.28
N LYS A 63 7.27 -0.15 16.53
CA LYS A 63 5.85 -0.33 16.81
C LYS A 63 5.02 0.74 16.11
N LEU A 64 5.46 2.00 16.17
CA LEU A 64 4.79 3.06 15.43
C LEU A 64 4.88 2.87 13.92
N GLU A 65 6.03 2.40 13.45
CA GLU A 65 6.25 2.18 12.02
C GLU A 65 5.22 1.19 11.46
N LYS A 66 4.88 0.15 12.22
CA LYS A 66 3.89 -0.80 11.72
C LYS A 66 2.52 -0.13 11.62
N MET A 67 2.20 0.73 12.58
CA MET A 67 0.94 1.46 12.51
C MET A 67 0.92 2.36 11.29
N ILE A 68 2.00 3.10 11.08
CA ILE A 68 2.12 3.98 9.93
C ILE A 68 2.00 3.21 8.63
N ASN A 69 2.69 2.07 8.52
CA ASN A 69 2.63 1.31 7.28
C ASN A 69 1.21 0.87 6.95
N THR A 70 0.45 0.41 7.95
CA THR A 70 -0.93 0.05 7.67
C THR A 70 -1.69 1.26 7.16
N LEU A 71 -1.48 2.41 7.79
CA LEU A 71 -2.15 3.64 7.37
C LEU A 71 -1.75 4.06 5.96
N ILE A 72 -0.45 3.93 5.62
CA ILE A 72 0.00 4.33 4.27
C ILE A 72 -0.62 3.41 3.23
N LEU A 73 -0.69 2.11 3.53
CA LEU A 73 -1.30 1.19 2.58
C LEU A 73 -2.79 1.52 2.40
N ASN A 74 -3.48 1.82 3.51
CA ASN A 74 -4.88 2.21 3.41
C ASN A 74 -5.04 3.50 2.61
N TYR A 75 -4.17 4.47 2.84
CA TYR A 75 -4.15 5.68 2.02
C TYR A 75 -3.93 5.33 0.55
N CYS A 76 -3.00 4.41 0.27
CA CYS A 76 -2.79 3.99 -1.10
C CYS A 76 -4.06 3.40 -1.72
N GLN A 77 -4.89 2.71 -0.93
CA GLN A 77 -6.16 2.22 -1.45
C GLN A 77 -7.03 3.35 -1.95
N CYS A 78 -7.05 4.47 -1.22
CA CYS A 78 -7.78 5.66 -1.68
C CYS A 78 -7.16 6.21 -2.95
N LEU A 79 -5.83 6.25 -3.00
CA LEU A 79 -5.15 6.76 -4.20
C LEU A 79 -5.44 5.87 -5.41
N LEU A 80 -5.52 4.54 -5.21
CA LEU A 80 -5.89 3.67 -6.31
C LEU A 80 -7.28 4.03 -6.87
N LYS A 81 -8.24 4.28 -5.99
CA LYS A 81 -9.59 4.66 -6.43
C LYS A 81 -9.57 5.97 -7.20
N LYS A 82 -8.62 6.86 -6.88
CA LYS A 82 -8.44 8.14 -7.52
C LYS A 82 -7.55 8.05 -8.75
N GLU A 83 -7.08 6.86 -9.10
CA GLU A 83 -6.15 6.64 -10.21
C GLU A 83 -4.84 7.43 -10.03
N GLU A 84 -4.41 7.67 -8.80
CA GLU A 84 -3.10 8.27 -8.58
C GLU A 84 -2.02 7.19 -8.49
N TYR A 85 -1.92 6.43 -9.59
CA TYR A 85 -1.10 5.23 -9.59
C TYR A 85 0.38 5.54 -9.38
N TYR A 86 0.92 6.56 -10.04
CA TYR A 86 2.33 6.88 -9.84
C TYR A 86 2.61 7.25 -8.38
N GLU A 87 1.69 7.96 -7.73
CA GLU A 87 1.87 8.22 -6.30
C GLU A 87 1.88 6.94 -5.49
N VAL A 88 0.99 5.98 -5.79
CA VAL A 88 0.99 4.71 -5.07
C VAL A 88 2.33 4.01 -5.27
N LEU A 89 2.86 4.06 -6.50
CA LEU A 89 4.17 3.44 -6.75
C LEU A 89 5.23 4.05 -5.84
N GLU A 90 5.16 5.38 -5.64
CA GLU A 90 6.16 6.06 -4.81
C GLU A 90 6.01 5.67 -3.35
N HIS A 91 4.78 5.67 -2.83
CA HIS A 91 4.58 5.38 -1.42
C HIS A 91 4.89 3.94 -1.11
N THR A 92 4.43 3.00 -1.94
CA THR A 92 4.75 1.60 -1.64
C THR A 92 6.22 1.36 -1.80
N SER A 93 6.87 2.04 -2.78
CA SER A 93 8.32 1.84 -2.93
C SER A 93 9.09 2.37 -1.72
N ASP A 94 8.62 3.46 -1.10
CA ASP A 94 9.29 3.96 0.09
C ASP A 94 9.18 2.97 1.24
N ILE A 95 8.02 2.36 1.39
CA ILE A 95 7.87 1.29 2.39
C ILE A 95 8.83 0.17 2.08
N LEU A 96 8.83 -0.31 0.84
CA LEU A 96 9.58 -1.50 0.50
C LEU A 96 11.09 -1.26 0.51
N ARG A 97 11.56 -0.01 0.34
CA ARG A 97 12.98 0.27 0.44
C ARG A 97 13.50 -0.04 1.85
N HIS A 98 12.67 0.19 2.86
CA HIS A 98 13.04 -0.05 4.24
C HIS A 98 12.52 -1.35 4.81
N HIS A 99 11.50 -1.93 4.18
CA HIS A 99 10.80 -3.10 4.71
C HIS A 99 10.55 -4.05 3.57
N PRO A 100 11.58 -4.78 3.14
CA PRO A 100 11.45 -5.58 1.91
C PRO A 100 10.62 -6.83 2.06
N GLY A 101 10.09 -7.12 3.24
CA GLY A 101 9.28 -8.31 3.43
C GLY A 101 7.79 -8.08 3.50
N ILE A 102 7.30 -6.87 3.28
CA ILE A 102 5.89 -6.59 3.53
C ILE A 102 5.10 -7.01 2.27
N VAL A 103 4.44 -8.16 2.38
CA VAL A 103 3.69 -8.73 1.26
C VAL A 103 2.67 -7.76 0.72
N LYS A 104 1.93 -7.10 1.62
CA LYS A 104 0.85 -6.23 1.17
C LYS A 104 1.36 -5.01 0.43
N ALA A 105 2.59 -4.57 0.70
CA ALA A 105 3.12 -3.44 -0.06
C ALA A 105 3.44 -3.87 -1.49
N TYR A 106 3.99 -5.07 -1.66
CA TYR A 106 4.22 -5.58 -3.02
C TYR A 106 2.92 -5.74 -3.76
N TYR A 107 1.89 -6.23 -3.06
CA TYR A 107 0.59 -6.48 -3.68
C TYR A 107 -0.03 -5.17 -4.15
N VAL A 108 -0.03 -4.15 -3.28
CA VAL A 108 -0.56 -2.85 -3.68
C VAL A 108 0.28 -2.26 -4.81
N ARG A 109 1.61 -2.36 -4.71
CA ARG A 109 2.43 -1.79 -5.78
C ARG A 109 2.17 -2.49 -7.10
N ALA A 110 2.03 -3.82 -7.05
CA ALA A 110 1.76 -4.57 -8.27
C ALA A 110 0.47 -4.08 -8.93
N ARG A 111 -0.56 -3.80 -8.13
CA ARG A 111 -1.82 -3.33 -8.71
C ARG A 111 -1.62 -2.01 -9.42
N ALA A 112 -0.86 -1.09 -8.80
CA ALA A 112 -0.60 0.19 -9.42
C ALA A 112 0.22 0.01 -10.68
N HIS A 113 1.24 -0.84 -10.63
CA HIS A 113 2.03 -1.09 -11.83
C HIS A 113 1.16 -1.59 -12.96
N ALA A 114 0.27 -2.53 -12.66
CA ALA A 114 -0.56 -3.08 -13.71
C ALA A 114 -1.45 -2.02 -14.35
N GLU A 115 -2.00 -1.13 -13.53
CA GLU A 115 -2.87 -0.09 -14.05
C GLU A 115 -2.15 0.90 -14.94
N VAL A 116 -0.84 1.06 -14.80
CA VAL A 116 -0.10 1.96 -15.67
C VAL A 116 0.75 1.19 -16.69
N TRP A 117 0.40 -0.07 -16.96
CA TRP A 117 0.97 -0.88 -18.05
C TRP A 117 2.43 -1.23 -17.81
N ASN A 118 2.90 -1.25 -16.56
CA ASN A 118 4.28 -1.70 -16.26
C ASN A 118 4.23 -3.19 -16.05
N GLU A 119 4.22 -3.93 -17.17
CA GLU A 119 3.95 -5.36 -17.09
C GLU A 119 5.03 -6.10 -16.33
N ALA A 120 6.31 -5.82 -16.65
CA ALA A 120 7.39 -6.55 -16.00
C ALA A 120 7.44 -6.25 -14.51
N GLU A 121 7.25 -4.99 -14.13
CA GLU A 121 7.29 -4.61 -12.72
C GLU A 121 6.12 -5.18 -11.95
N ALA A 122 4.91 -5.14 -12.53
CA ALA A 122 3.78 -5.80 -11.89
C ALA A 122 4.05 -7.29 -11.69
N LYS A 123 4.59 -7.97 -12.70
CA LYS A 123 4.82 -9.40 -12.58
C LYS A 123 5.89 -9.71 -11.55
N ALA A 124 6.94 -8.89 -11.49
CA ALA A 124 7.97 -9.09 -10.47
C ALA A 124 7.40 -8.94 -9.06
N ASP A 125 6.54 -7.93 -8.84
CA ASP A 125 5.95 -7.76 -7.52
C ASP A 125 5.03 -8.93 -7.18
N LEU A 126 4.23 -9.38 -8.16
CA LEU A 126 3.34 -10.51 -7.88
C LEU A 126 4.14 -11.78 -7.60
N GLN A 127 5.27 -11.95 -8.27
CA GLN A 127 6.13 -13.09 -7.98
C GLN A 127 6.68 -13.01 -6.56
N LYS A 128 7.04 -11.82 -6.10
CA LYS A 128 7.46 -11.64 -4.70
C LYS A 128 6.32 -11.97 -3.75
N VAL A 129 5.10 -11.55 -4.09
CA VAL A 129 3.95 -11.90 -3.28
C VAL A 129 3.83 -13.40 -3.15
N LEU A 130 3.84 -14.11 -4.29
CA LEU A 130 3.73 -15.58 -4.28
C LEU A 130 4.82 -16.20 -3.42
N GLU A 131 6.04 -15.69 -3.54
CA GLU A 131 7.14 -16.27 -2.80
C GLU A 131 6.98 -16.06 -1.31
N LEU A 132 6.58 -14.86 -0.90
CA LEU A 132 6.49 -14.54 0.52
C LEU A 132 5.23 -15.09 1.18
N GLU A 133 4.14 -15.24 0.43
CA GLU A 133 2.88 -15.72 1.00
C GLU A 133 2.17 -16.59 -0.03
N PRO A 134 2.45 -17.89 -0.05
CA PRO A 134 1.92 -18.77 -1.09
C PRO A 134 0.41 -18.89 -1.10
N SER A 135 -0.27 -18.58 0.00
CA SER A 135 -1.72 -18.61 0.02
C SER A 135 -2.34 -17.51 -0.84
N MET A 136 -1.54 -16.57 -1.34
CA MET A 136 -2.05 -15.51 -2.19
C MET A 136 -2.13 -15.91 -3.65
N GLN A 137 -1.94 -17.20 -3.95
CA GLN A 137 -1.89 -17.65 -5.33
C GLN A 137 -3.16 -17.28 -6.10
N LYS A 138 -4.33 -17.57 -5.52
CA LYS A 138 -5.58 -17.16 -6.16
C LYS A 138 -5.61 -15.66 -6.42
N ALA A 139 -5.26 -14.85 -5.41
CA ALA A 139 -5.28 -13.41 -5.61
C ALA A 139 -4.29 -12.97 -6.68
N VAL A 140 -3.15 -13.67 -6.78
CA VAL A 140 -2.16 -13.32 -7.81
C VAL A 140 -2.68 -13.67 -9.20
N ARG A 141 -3.33 -14.83 -9.34
CA ARG A 141 -3.95 -15.18 -10.62
C ARG A 141 -4.92 -14.11 -11.08
N ARG A 142 -5.68 -13.55 -10.12
CA ARG A 142 -6.66 -12.53 -10.46
C ARG A 142 -5.97 -11.26 -10.93
N GLU A 143 -4.93 -10.84 -10.19
CA GLU A 143 -4.16 -9.66 -10.61
C GLU A 143 -3.50 -9.89 -11.97
N LEU A 144 -3.04 -11.10 -12.24
CA LEU A 144 -2.41 -11.35 -13.54
C LEU A 144 -3.44 -11.26 -14.67
N ARG A 145 -4.66 -11.75 -14.42
CA ARG A 145 -5.72 -11.59 -15.40
C ARG A 145 -6.02 -10.12 -15.64
N LEU A 146 -6.09 -9.33 -14.57
CA LEU A 146 -6.34 -7.89 -14.74
C LEU A 146 -5.21 -7.26 -15.53
N LEU A 147 -3.97 -7.63 -15.22
CA LEU A 147 -2.83 -7.07 -15.95
C LEU A 147 -2.90 -7.45 -17.43
N GLU A 148 -3.25 -8.70 -17.74
CA GLU A 148 -3.36 -9.12 -19.13
C GLU A 148 -4.42 -8.30 -19.86
N ASN A 149 -5.55 -8.02 -19.19
CA ASN A 149 -6.58 -7.18 -19.76
C ASN A 149 -6.07 -5.76 -20.04
N ARG A 150 -5.28 -5.20 -19.10
CA ARG A 150 -4.71 -3.88 -19.32
C ARG A 150 -3.71 -3.89 -20.46
N MET A 151 -2.92 -4.96 -20.56
CA MET A 151 -1.86 -4.99 -21.56
C MET A 151 -2.39 -5.27 -22.95
N ALA A 152 -3.63 -5.78 -23.06
CA ALA A 152 -4.24 -6.02 -24.36
C ALA A 152 -4.12 -4.81 -25.28
N GLU A 153 -4.06 -3.61 -24.69
CA GLU A 153 -3.60 -2.38 -25.38
C GLU A 153 -4.20 -2.14 -26.76
#